data_4B34
#
_entry.id   4B34
#
_cell.length_a   37.620
_cell.length_b   78.770
_cell.length_c   39.630
_cell.angle_alpha   90.00
_cell.angle_beta   118.06
_cell.angle_gamma   90.00
#
_symmetry.space_group_name_H-M   'P 1 21 1'
#
loop_
_entity.id
_entity.type
_entity.pdbx_description
1 polymer 'DNA REPAIR AND RECOMBINATION PROTEIN RADA'
2 non-polymer 'PHOSPHATE ION'
3 non-polymer 1,3-benzothiazol-2-amine
4 water water
#
_entity_poly.entity_id   1
_entity_poly.type   'polypeptide(L)'
_entity_poly.pdbx_seq_one_letter_code
;MATIGRISTGSKSLDKLLGGGIETQAITEVFGEFGSGKTQLAHTLAVMVQLPPEEGGLNGSVMWIDTENTFRPERIREIA
QNRGLDPDEVLKHIAYARAFNSNHQMLLVQQAEDMIKELLNTDRPVKLLIVDSLTSHFRSEYIGRGALAERQQKLAKHLA
DLHRLANLYDIAVFVTNQVQANGGHILAHSATLRVYLRKGKGGKRIARLIDAPHLPEGEAVFSITEKGIED
;
_entity_poly.pdbx_strand_id   A
#
# COMPACT_ATOMS: atom_id res chain seq x y z
N ALA A 2 -7.25 8.64 17.50
CA ALA A 2 -7.36 7.20 17.38
C ALA A 2 -6.00 6.52 17.53
N THR A 3 -5.99 5.38 18.20
N THR A 3 -5.98 5.38 18.20
CA THR A 3 -4.78 4.59 18.35
CA THR A 3 -4.75 4.61 18.35
C THR A 3 -4.33 4.07 16.99
C THR A 3 -4.32 4.09 16.99
N ILE A 4 -3.02 4.03 16.76
CA ILE A 4 -2.50 3.53 15.49
C ILE A 4 -2.89 2.05 15.33
N GLY A 5 -3.45 1.71 14.16
CA GLY A 5 -3.76 0.32 13.89
C GLY A 5 -2.72 -0.24 12.94
N ARG A 6 -2.56 -1.56 12.93
CA ARG A 6 -1.59 -2.17 12.03
C ARG A 6 -2.23 -3.30 11.24
N ILE A 7 -1.82 -3.40 9.97
CA ILE A 7 -2.32 -4.45 9.10
C ILE A 7 -1.20 -5.43 8.84
N SER A 8 -1.45 -6.70 9.11
CA SER A 8 -0.45 -7.73 8.82
C SER A 8 -0.16 -7.83 7.33
N THR A 9 1.12 -7.98 6.99
CA THR A 9 1.54 -8.20 5.61
C THR A 9 1.37 -9.64 5.15
N GLY A 10 0.99 -10.52 6.09
CA GLY A 10 0.95 -11.95 5.82
C GLY A 10 2.24 -12.66 6.29
N SER A 11 3.34 -11.92 6.32
CA SER A 11 4.62 -12.48 6.77
C SER A 11 4.96 -12.07 8.19
N LYS A 12 5.11 -13.05 9.07
CA LYS A 12 5.51 -12.78 10.45
C LYS A 12 6.88 -12.10 10.53
N SER A 13 7.80 -12.50 9.65
CA SER A 13 9.12 -11.89 9.59
C SER A 13 9.02 -10.42 9.23
N LEU A 14 8.26 -10.13 8.17
CA LEU A 14 8.12 -8.76 7.71
C LEU A 14 7.35 -7.93 8.74
N ASP A 15 6.33 -8.54 9.34
CA ASP A 15 5.60 -7.85 10.39
C ASP A 15 6.50 -7.44 11.55
N LYS A 16 7.42 -8.33 11.95
CA LYS A 16 8.33 -8.02 13.05
C LYS A 16 9.18 -6.80 12.71
N LEU A 17 9.74 -6.81 11.50
CA LEU A 17 10.56 -5.71 11.01
C LEU A 17 9.79 -4.38 11.07
N LEU A 18 8.50 -4.47 10.80
CA LEU A 18 7.68 -3.27 10.71
C LEU A 18 7.03 -2.84 12.03
N GLY A 19 7.33 -3.56 13.11
CA GLY A 19 6.74 -3.28 14.41
C GLY A 19 5.33 -3.80 14.55
N GLY A 20 4.95 -4.75 13.70
CA GLY A 20 3.65 -5.38 13.80
C GLY A 20 2.85 -5.46 12.51
N GLY A 21 3.18 -4.63 11.54
CA GLY A 21 2.44 -4.57 10.28
C GLY A 21 2.52 -3.14 9.78
N ILE A 22 1.84 -2.82 8.68
CA ILE A 22 1.85 -1.44 8.21
C ILE A 22 0.89 -0.61 9.04
N GLU A 23 1.26 0.64 9.31
CA GLU A 23 0.50 1.50 10.22
C GLU A 23 -0.56 2.36 9.55
N THR A 24 -1.69 2.52 10.22
CA THR A 24 -2.59 3.61 9.88
C THR A 24 -1.93 4.92 10.31
N GLN A 25 -2.45 6.04 9.78
CA GLN A 25 -1.88 7.38 10.04
C GLN A 25 -0.43 7.48 9.56
N ALA A 26 -0.09 6.69 8.54
CA ALA A 26 1.26 6.68 8.00
C ALA A 26 1.22 6.36 6.52
N ILE A 27 2.28 6.74 5.81
CA ILE A 27 2.48 6.27 4.44
C ILE A 27 3.66 5.30 4.45
N THR A 28 3.41 4.06 4.04
CA THR A 28 4.49 3.10 3.85
C THR A 28 4.82 3.05 2.37
N GLU A 29 6.09 3.24 2.04
CA GLU A 29 6.55 3.39 0.66
C GLU A 29 7.50 2.24 0.35
N VAL A 30 7.09 1.36 -0.57
CA VAL A 30 7.85 0.17 -0.85
C VAL A 30 8.47 0.24 -2.24
N PHE A 31 9.80 0.11 -2.28
CA PHE A 31 10.56 0.18 -3.53
C PHE A 31 10.93 -1.22 -4.01
N GLY A 32 11.01 -1.39 -5.32
CA GLY A 32 11.53 -2.66 -5.82
C GLY A 32 11.49 -2.71 -7.32
N GLU A 33 12.42 -3.46 -7.90
CA GLU A 33 12.47 -3.64 -9.32
C GLU A 33 11.39 -4.63 -9.70
N PHE A 34 11.17 -4.81 -10.98
CA PHE A 34 10.15 -5.74 -11.44
C PHE A 34 10.38 -7.11 -10.82
N GLY A 35 9.30 -7.71 -10.30
CA GLY A 35 9.38 -9.02 -9.67
C GLY A 35 9.92 -9.03 -8.24
N SER A 36 10.05 -7.85 -7.65
CA SER A 36 10.56 -7.74 -6.28
C SER A 36 9.54 -8.23 -5.25
N GLY A 37 8.26 -8.15 -5.60
CA GLY A 37 7.21 -8.54 -4.69
C GLY A 37 6.36 -7.39 -4.17
N LYS A 38 6.63 -6.17 -4.63
CA LYS A 38 5.91 -5.00 -4.10
C LYS A 38 4.43 -4.95 -4.45
N THR A 39 4.08 -5.34 -5.67
CA THR A 39 2.68 -5.39 -6.05
C THR A 39 1.99 -6.62 -5.41
N GLN A 40 2.71 -7.72 -5.22
CA GLN A 40 2.16 -8.86 -4.50
C GLN A 40 1.86 -8.51 -3.04
N LEU A 41 2.75 -7.73 -2.42
CA LEU A 41 2.52 -7.22 -1.08
C LEU A 41 1.27 -6.34 -1.08
N ALA A 42 1.15 -5.49 -2.10
CA ALA A 42 -0.06 -4.68 -2.23
C ALA A 42 -1.32 -5.55 -2.26
N HIS A 43 -1.32 -6.57 -3.11
CA HIS A 43 -2.49 -7.45 -3.24
C HIS A 43 -2.81 -8.14 -1.92
N THR A 44 -1.76 -8.60 -1.23
CA THR A 44 -1.94 -9.29 0.04
C THR A 44 -2.54 -8.38 1.10
N LEU A 45 -2.02 -7.16 1.22
CA LEU A 45 -2.57 -6.18 2.16
C LEU A 45 -4.06 -5.86 1.89
N ALA A 46 -4.44 -5.83 0.61
CA ALA A 46 -5.83 -5.54 0.24
C ALA A 46 -6.80 -6.61 0.73
N VAL A 47 -6.26 -7.80 0.96
CA VAL A 47 -7.03 -8.90 1.56
C VAL A 47 -6.94 -8.85 3.08
N MET A 48 -5.72 -8.81 3.60
CA MET A 48 -5.51 -8.85 5.05
C MET A 48 -6.32 -7.79 5.79
N VAL A 49 -6.39 -6.57 5.26
CA VAL A 49 -7.03 -5.49 5.99
C VAL A 49 -8.53 -5.76 6.24
N GLN A 50 -9.10 -6.64 5.44
CA GLN A 50 -10.52 -6.95 5.56
C GLN A 50 -10.81 -7.95 6.69
N LEU A 51 -9.76 -8.55 7.23
CA LEU A 51 -9.91 -9.49 8.35
C LEU A 51 -10.11 -8.74 9.67
N PRO A 52 -10.60 -9.45 10.69
CA PRO A 52 -10.65 -8.91 12.05
C PRO A 52 -9.24 -8.76 12.65
N PRO A 53 -9.09 -7.87 13.64
CA PRO A 53 -7.79 -7.62 14.29
C PRO A 53 -7.13 -8.90 14.77
N GLU A 54 -7.92 -9.84 15.27
CA GLU A 54 -7.38 -11.12 15.75
C GLU A 54 -6.70 -11.89 14.63
N GLU A 55 -7.09 -11.59 13.39
CA GLU A 55 -6.50 -12.26 12.23
C GLU A 55 -5.52 -11.36 11.47
N GLY A 56 -5.28 -10.16 12.01
CA GLY A 56 -4.27 -9.28 11.45
C GLY A 56 -4.81 -8.16 10.57
N GLY A 57 -6.13 -8.00 10.56
CA GLY A 57 -6.75 -6.93 9.79
C GLY A 57 -7.41 -5.86 10.63
N LEU A 58 -8.21 -5.01 9.99
CA LEU A 58 -8.84 -3.89 10.68
C LEU A 58 -10.30 -3.78 10.30
N ASN A 59 -10.88 -4.90 9.87
CA ASN A 59 -12.25 -4.92 9.41
C ASN A 59 -12.54 -3.75 8.48
N GLY A 60 -11.68 -3.56 7.48
CA GLY A 60 -11.77 -2.39 6.63
C GLY A 60 -12.01 -2.64 5.15
N SER A 61 -12.38 -1.58 4.46
CA SER A 61 -12.45 -1.53 3.00
C SER A 61 -11.14 -0.98 2.43
N VAL A 62 -10.98 -1.09 1.12
CA VAL A 62 -9.78 -0.65 0.44
C VAL A 62 -10.12 0.29 -0.70
N MET A 63 -9.23 1.25 -0.97
CA MET A 63 -9.29 2.05 -2.17
C MET A 63 -7.95 1.88 -2.88
N TRP A 64 -8.00 1.59 -4.18
CA TRP A 64 -6.81 1.23 -4.94
C TRP A 64 -6.69 2.08 -6.19
N ILE A 65 -5.64 2.89 -6.23
CA ILE A 65 -5.35 3.70 -7.41
C ILE A 65 -4.20 3.06 -8.20
N ASP A 66 -4.45 2.75 -9.47
CA ASP A 66 -3.56 1.95 -10.31
C ASP A 66 -3.04 2.84 -11.44
N THR A 67 -1.73 3.03 -11.56
CA THR A 67 -1.19 3.91 -12.59
C THR A 67 -0.70 3.16 -13.83
N GLU A 68 -0.35 1.88 -13.67
CA GLU A 68 0.23 1.14 -14.80
C GLU A 68 -0.42 -0.21 -15.07
N ASN A 69 -1.67 -0.37 -14.65
CA ASN A 69 -2.39 -1.61 -14.91
C ASN A 69 -1.72 -2.82 -14.27
N THR A 70 -1.45 -2.73 -12.98
CA THR A 70 -0.87 -3.86 -12.27
C THR A 70 -1.83 -4.55 -11.28
N PHE A 71 -3.04 -4.02 -11.11
CA PHE A 71 -4.05 -4.68 -10.27
C PHE A 71 -4.61 -5.90 -10.96
N ARG A 72 -4.67 -7.02 -10.24
CA ARG A 72 -5.15 -8.28 -10.80
C ARG A 72 -6.27 -8.84 -9.92
N PRO A 73 -7.53 -8.64 -10.34
CA PRO A 73 -8.64 -9.17 -9.54
C PRO A 73 -8.51 -10.66 -9.30
N GLU A 74 -8.03 -11.41 -10.29
CA GLU A 74 -7.95 -12.86 -10.11
C GLU A 74 -6.93 -13.23 -9.03
N ARG A 75 -5.93 -12.36 -8.83
CA ARG A 75 -4.96 -12.58 -7.78
C ARG A 75 -5.57 -12.30 -6.40
N ILE A 76 -6.40 -11.27 -6.31
CA ILE A 76 -7.19 -11.02 -5.09
C ILE A 76 -8.04 -12.27 -4.76
N ARG A 77 -8.74 -12.82 -5.74
CA ARG A 77 -9.58 -13.99 -5.51
C ARG A 77 -8.76 -15.15 -5.00
N GLU A 78 -7.63 -15.41 -5.65
CA GLU A 78 -6.77 -16.49 -5.24
C GLU A 78 -6.30 -16.32 -3.80
N ILE A 79 -5.79 -15.13 -3.47
CA ILE A 79 -5.32 -14.87 -2.11
C ILE A 79 -6.45 -15.04 -1.10
N ALA A 80 -7.61 -14.46 -1.41
CA ALA A 80 -8.77 -14.50 -0.54
C ALA A 80 -9.13 -15.96 -0.27
N GLN A 81 -9.24 -16.75 -1.34
CA GLN A 81 -9.69 -18.13 -1.18
C GLN A 81 -8.72 -19.01 -0.41
N ASN A 82 -7.42 -18.87 -0.70
CA ASN A 82 -6.39 -19.64 -0.01
C ASN A 82 -6.25 -19.26 1.47
N ARG A 83 -6.83 -18.14 1.85
CA ARG A 83 -6.86 -17.72 3.24
C ARG A 83 -8.24 -17.97 3.84
N GLY A 84 -8.98 -18.88 3.21
CA GLY A 84 -10.29 -19.30 3.69
C GLY A 84 -11.39 -18.26 3.61
N LEU A 85 -11.18 -17.21 2.81
CA LEU A 85 -12.16 -16.14 2.67
C LEU A 85 -13.02 -16.26 1.41
N ASP A 86 -14.03 -15.40 1.30
CA ASP A 86 -14.92 -15.37 0.14
C ASP A 86 -14.39 -14.41 -0.94
N PRO A 87 -13.91 -14.96 -2.06
CA PRO A 87 -13.23 -14.12 -3.07
C PRO A 87 -14.13 -13.02 -3.64
N ASP A 88 -15.43 -13.28 -3.75
CA ASP A 88 -16.31 -12.28 -4.31
C ASP A 88 -16.55 -11.13 -3.32
N GLU A 89 -16.70 -11.46 -2.05
CA GLU A 89 -16.88 -10.43 -1.05
C GLU A 89 -15.61 -9.58 -0.88
N VAL A 90 -14.46 -10.24 -0.88
CA VAL A 90 -13.18 -9.53 -0.77
C VAL A 90 -13.02 -8.52 -1.91
N LEU A 91 -13.25 -8.96 -3.15
CA LEU A 91 -13.16 -8.06 -4.30
C LEU A 91 -14.15 -6.90 -4.25
N LYS A 92 -15.36 -7.15 -3.75
CA LYS A 92 -16.39 -6.12 -3.67
C LYS A 92 -15.97 -4.96 -2.79
N HIS A 93 -15.09 -5.23 -1.83
CA HIS A 93 -14.71 -4.18 -0.90
C HIS A 93 -13.37 -3.55 -1.24
N ILE A 94 -12.93 -3.75 -2.47
CA ILE A 94 -11.80 -3.01 -3.01
C ILE A 94 -12.32 -2.07 -4.09
N ALA A 95 -12.38 -0.78 -3.78
CA ALA A 95 -12.78 0.21 -4.77
C ALA A 95 -11.57 0.49 -5.65
N TYR A 96 -11.78 0.40 -6.95
CA TYR A 96 -10.71 0.52 -7.93
C TYR A 96 -10.79 1.78 -8.80
N ALA A 97 -9.66 2.45 -8.98
CA ALA A 97 -9.58 3.57 -9.90
C ALA A 97 -8.28 3.55 -10.68
N ARG A 98 -8.40 3.65 -12.00
CA ARG A 98 -7.25 3.84 -12.87
C ARG A 98 -6.91 5.32 -12.90
N ALA A 99 -5.62 5.64 -12.73
CA ALA A 99 -5.15 7.00 -12.93
C ALA A 99 -4.46 7.07 -14.29
N PHE A 100 -4.94 7.95 -15.16
CA PHE A 100 -4.44 7.99 -16.53
C PHE A 100 -3.20 8.84 -16.73
N ASN A 101 -2.96 9.76 -15.79
CA ASN A 101 -1.82 10.65 -15.84
C ASN A 101 -1.64 11.23 -14.45
N SER A 102 -0.58 12.04 -14.27
CA SER A 102 -0.26 12.56 -12.94
C SER A 102 -1.30 13.53 -12.38
N ASN A 103 -1.87 14.38 -13.25
CA ASN A 103 -2.93 15.28 -12.81
C ASN A 103 -4.14 14.51 -12.31
N HIS A 104 -4.55 13.53 -13.11
CA HIS A 104 -5.66 12.68 -12.79
C HIS A 104 -5.39 11.94 -11.48
N GLN A 105 -4.18 11.42 -11.33
CA GLN A 105 -3.80 10.73 -10.10
C GLN A 105 -3.96 11.63 -8.87
N MET A 106 -3.54 12.89 -8.98
CA MET A 106 -3.67 13.83 -7.88
C MET A 106 -5.15 14.14 -7.61
N LEU A 107 -5.93 14.28 -8.68
CA LEU A 107 -7.36 14.53 -8.58
C LEU A 107 -8.05 13.39 -7.84
N LEU A 108 -7.69 12.16 -8.20
CA LEU A 108 -8.29 10.99 -7.57
C LEU A 108 -8.04 10.95 -6.06
N VAL A 109 -6.86 11.37 -5.63
CA VAL A 109 -6.58 11.39 -4.20
C VAL A 109 -7.37 12.48 -3.49
N GLN A 110 -7.44 13.66 -4.09
CA GLN A 110 -8.26 14.74 -3.53
C GLN A 110 -9.72 14.33 -3.38
N GLN A 111 -10.26 13.65 -4.39
CA GLN A 111 -11.66 13.30 -4.38
C GLN A 111 -11.96 11.97 -3.66
N ALA A 112 -10.91 11.25 -3.29
CA ALA A 112 -11.07 9.99 -2.55
C ALA A 112 -11.69 10.27 -1.20
N GLU A 113 -11.51 11.49 -0.71
CA GLU A 113 -12.03 11.89 0.58
C GLU A 113 -13.55 11.72 0.67
N ASP A 114 -14.25 11.88 -0.45
CA ASP A 114 -15.70 11.75 -0.48
C ASP A 114 -16.15 10.36 -0.05
N MET A 115 -15.52 9.35 -0.64
N MET A 115 -15.53 9.34 -0.63
CA MET A 115 -15.87 7.96 -0.35
CA MET A 115 -15.90 7.95 -0.33
C MET A 115 -15.46 7.57 1.07
C MET A 115 -15.46 7.57 1.08
N ILE A 116 -14.31 8.08 1.49
CA ILE A 116 -13.80 7.81 2.83
C ILE A 116 -14.78 8.35 3.87
N LYS A 117 -15.29 9.56 3.62
CA LYS A 117 -16.30 10.16 4.48
C LYS A 117 -17.55 9.29 4.53
N GLU A 118 -18.00 8.82 3.38
CA GLU A 118 -19.21 8.00 3.32
C GLU A 118 -19.08 6.73 4.14
N LEU A 119 -17.91 6.10 4.08
CA LEU A 119 -17.71 4.82 4.74
C LEU A 119 -17.26 4.94 6.20
N LEU A 120 -16.92 6.16 6.60
CA LEU A 120 -16.24 6.39 7.89
C LEU A 120 -16.91 5.75 9.10
N ASN A 121 -18.21 5.91 9.22
CA ASN A 121 -18.85 5.38 10.41
C ASN A 121 -19.76 4.21 10.09
N THR A 122 -19.31 3.39 9.14
CA THR A 122 -20.00 2.17 8.75
C THR A 122 -19.30 0.93 9.29
N ASP A 123 -19.74 -0.24 8.87
CA ASP A 123 -19.11 -1.49 9.31
C ASP A 123 -17.79 -1.76 8.58
N ARG A 124 -17.52 -1.02 7.50
CA ARG A 124 -16.33 -1.26 6.68
C ARG A 124 -15.69 0.06 6.26
N PRO A 125 -15.21 0.83 7.23
CA PRO A 125 -14.53 2.10 6.89
C PRO A 125 -13.31 1.81 6.01
N VAL A 126 -12.91 2.78 5.20
CA VAL A 126 -11.66 2.63 4.46
C VAL A 126 -10.49 2.56 5.43
N LYS A 127 -9.67 1.52 5.31
CA LYS A 127 -8.54 1.36 6.21
C LYS A 127 -7.22 1.23 5.47
N LEU A 128 -7.29 1.07 4.15
CA LEU A 128 -6.11 0.96 3.30
C LEU A 128 -6.35 1.72 2.00
N LEU A 129 -5.43 2.63 1.68
CA LEU A 129 -5.44 3.34 0.41
C LEU A 129 -4.14 3.03 -0.26
N ILE A 130 -4.21 2.40 -1.43
CA ILE A 130 -3.01 2.02 -2.18
C ILE A 130 -2.82 2.93 -3.39
N VAL A 131 -1.59 3.39 -3.61
CA VAL A 131 -1.24 4.03 -4.87
C VAL A 131 -0.08 3.25 -5.47
N ASP A 132 -0.37 2.53 -6.55
CA ASP A 132 0.58 1.65 -7.22
C ASP A 132 0.57 2.11 -8.66
N SER A 133 1.51 2.96 -9.06
CA SER A 133 2.63 3.34 -8.22
C SER A 133 2.67 4.85 -8.05
N LEU A 134 3.46 5.31 -7.09
CA LEU A 134 3.41 6.71 -6.72
C LEU A 134 3.96 7.60 -7.81
N THR A 135 4.99 7.13 -8.53
CA THR A 135 5.77 8.04 -9.38
C THR A 135 5.80 7.76 -10.88
N SER A 136 5.18 6.68 -11.36
CA SER A 136 5.34 6.32 -12.77
C SER A 136 4.93 7.46 -13.70
N HIS A 137 3.79 8.08 -13.44
CA HIS A 137 3.32 9.17 -14.31
C HIS A 137 4.20 10.41 -14.17
N PHE A 138 4.63 10.70 -12.95
CA PHE A 138 5.44 11.90 -12.73
C PHE A 138 6.75 11.75 -13.48
N ARG A 139 7.33 10.55 -13.43
CA ARG A 139 8.59 10.25 -14.11
C ARG A 139 8.43 10.30 -15.63
N SER A 140 7.27 9.88 -16.11
CA SER A 140 6.99 9.85 -17.54
C SER A 140 6.77 11.25 -18.12
N GLU A 141 6.14 12.11 -17.33
CA GLU A 141 5.64 13.39 -17.84
C GLU A 141 6.62 14.55 -17.66
N TYR A 142 7.41 14.51 -16.60
CA TYR A 142 8.31 15.61 -16.28
C TYR A 142 9.76 15.24 -16.56
N ILE A 143 10.18 15.44 -17.81
CA ILE A 143 11.48 14.98 -18.27
C ILE A 143 12.58 16.03 -18.20
N GLY A 144 13.72 15.66 -17.65
CA GLY A 144 14.90 16.50 -17.68
C GLY A 144 14.88 17.61 -16.64
N ARG A 145 15.97 18.37 -16.58
CA ARG A 145 16.13 19.35 -15.50
C ARG A 145 15.16 20.52 -15.53
N GLY A 146 14.67 20.89 -16.70
CA GLY A 146 13.69 21.96 -16.80
C GLY A 146 12.39 21.60 -16.11
N ALA A 147 12.19 20.31 -15.89
CA ALA A 147 10.91 19.81 -15.39
C ALA A 147 10.96 19.41 -13.92
N LEU A 148 12.17 19.33 -13.38
CA LEU A 148 12.38 18.76 -12.05
C LEU A 148 11.64 19.54 -10.96
N ALA A 149 11.73 20.86 -11.00
CA ALA A 149 11.12 21.69 -9.98
C ALA A 149 9.62 21.43 -9.86
N GLU A 150 8.90 21.54 -10.98
CA GLU A 150 7.47 21.30 -10.98
C GLU A 150 7.16 19.85 -10.56
N ARG A 151 7.97 18.90 -11.02
CA ARG A 151 7.76 17.50 -10.68
C ARG A 151 7.78 17.30 -9.16
N GLN A 152 8.81 17.84 -8.51
CA GLN A 152 8.94 17.67 -7.06
C GLN A 152 7.84 18.42 -6.31
N GLN A 153 7.46 19.57 -6.83
CA GLN A 153 6.38 20.38 -6.25
C GLN A 153 5.07 19.59 -6.22
N LYS A 154 4.69 19.06 -7.37
CA LYS A 154 3.44 18.32 -7.52
C LYS A 154 3.47 17.06 -6.65
N LEU A 155 4.59 16.33 -6.71
CA LEU A 155 4.74 15.12 -5.91
C LEU A 155 4.65 15.41 -4.43
N ALA A 156 5.34 16.47 -4.01
CA ALA A 156 5.26 16.89 -2.60
C ALA A 156 3.83 17.17 -2.19
N LYS A 157 3.08 17.89 -3.03
CA LYS A 157 1.68 18.18 -2.77
C LYS A 157 0.87 16.89 -2.71
N HIS A 158 1.16 15.97 -3.62
CA HIS A 158 0.46 14.68 -3.67
C HIS A 158 0.66 13.91 -2.36
N LEU A 159 1.92 13.82 -1.92
CA LEU A 159 2.22 13.16 -0.66
C LEU A 159 1.53 13.85 0.53
N ALA A 160 1.49 15.18 0.51
CA ALA A 160 0.80 15.88 1.60
C ALA A 160 -0.69 15.54 1.64
N ASP A 161 -1.33 15.45 0.47
CA ASP A 161 -2.75 15.08 0.39
C ASP A 161 -2.92 13.70 0.99
N LEU A 162 -1.99 12.79 0.66
CA LEU A 162 -2.09 11.43 1.15
C LEU A 162 -1.90 11.37 2.67
N HIS A 163 -0.92 12.11 3.19
CA HIS A 163 -0.66 12.13 4.64
C HIS A 163 -1.89 12.61 5.38
N ARG A 164 -2.55 13.61 4.81
CA ARG A 164 -3.71 14.19 5.46
C ARG A 164 -4.84 13.18 5.56
N LEU A 165 -5.08 12.44 4.48
CA LEU A 165 -6.13 11.42 4.51
C LEU A 165 -5.78 10.33 5.53
N ALA A 166 -4.52 9.91 5.53
CA ALA A 166 -4.04 8.92 6.49
C ALA A 166 -4.29 9.35 7.94
N ASN A 167 -3.93 10.60 8.25
CA ASN A 167 -4.00 11.11 9.63
C ASN A 167 -5.43 11.43 10.07
N LEU A 168 -6.17 12.10 9.21
CA LEU A 168 -7.52 12.54 9.52
C LEU A 168 -8.51 11.39 9.66
N TYR A 169 -8.35 10.36 8.84
CA TYR A 169 -9.35 9.31 8.78
C TYR A 169 -8.81 7.95 9.22
N ASP A 170 -7.62 7.94 9.80
CA ASP A 170 -7.05 6.72 10.38
C ASP A 170 -6.93 5.62 9.32
N ILE A 171 -6.20 5.94 8.26
CA ILE A 171 -6.04 5.03 7.13
C ILE A 171 -4.56 4.70 6.97
N ALA A 172 -4.26 3.46 6.59
CA ALA A 172 -2.89 3.11 6.21
C ALA A 172 -2.73 3.37 4.72
N VAL A 173 -1.83 4.27 4.38
CA VAL A 173 -1.55 4.54 2.98
C VAL A 173 -0.35 3.71 2.58
N PHE A 174 -0.44 3.00 1.45
CA PHE A 174 0.62 2.11 1.00
C PHE A 174 0.90 2.46 -0.45
N VAL A 175 2.11 2.90 -0.74
CA VAL A 175 2.46 3.28 -2.10
C VAL A 175 3.71 2.53 -2.56
N THR A 176 3.78 2.25 -3.85
CA THR A 176 4.95 1.58 -4.41
C THR A 176 5.78 2.56 -5.24
N ASN A 177 7.06 2.26 -5.40
CA ASN A 177 7.96 3.19 -6.05
C ASN A 177 9.12 2.38 -6.61
N GLN A 178 10.01 3.04 -7.34
CA GLN A 178 11.21 2.40 -7.84
C GLN A 178 12.34 3.39 -7.70
N VAL A 179 13.54 2.88 -7.47
CA VAL A 179 14.70 3.73 -7.29
C VAL A 179 15.14 4.38 -8.60
N SER A 190 10.53 10.61 8.00
CA SER A 190 9.42 11.12 7.19
C SER A 190 9.93 11.59 5.82
N ALA A 191 9.04 11.80 4.86
CA ALA A 191 7.59 11.72 5.03
C ALA A 191 7.09 10.28 5.24
N THR A 192 7.73 9.35 4.56
CA THR A 192 7.22 7.99 4.45
C THR A 192 8.13 7.00 5.18
N LEU A 193 7.58 5.83 5.48
CA LEU A 193 8.37 4.74 6.01
C LEU A 193 8.84 3.92 4.83
N ARG A 194 10.16 3.90 4.57
CA ARG A 194 10.67 3.32 3.31
C ARG A 194 11.17 1.90 3.47
N VAL A 195 10.62 1.00 2.66
CA VAL A 195 11.02 -0.40 2.65
C VAL A 195 11.52 -0.77 1.26
N TYR A 196 12.68 -1.41 1.17
CA TYR A 196 13.28 -1.76 -0.10
C TYR A 196 13.27 -3.26 -0.30
N LEU A 197 12.67 -3.72 -1.39
CA LEU A 197 12.57 -5.14 -1.67
C LEU A 197 13.61 -5.57 -2.68
N ARG A 198 14.14 -6.78 -2.50
CA ARG A 198 15.06 -7.34 -3.46
C ARG A 198 14.95 -8.85 -3.50
N LYS A 199 15.52 -9.44 -4.54
CA LYS A 199 15.54 -10.90 -4.67
C LYS A 199 16.55 -11.49 -3.68
N GLY A 200 16.12 -12.54 -2.98
CA GLY A 200 17.02 -13.27 -2.11
C GLY A 200 17.44 -14.55 -2.82
N LYS A 201 17.70 -15.60 -2.04
CA LYS A 201 18.10 -16.87 -2.63
C LYS A 201 16.91 -17.82 -2.76
N GLY A 202 16.93 -18.65 -3.80
CA GLY A 202 15.92 -19.68 -3.98
C GLY A 202 14.51 -19.16 -4.22
N GLY A 203 14.41 -17.95 -4.72
CA GLY A 203 13.10 -17.37 -5.00
C GLY A 203 12.48 -16.64 -3.81
N LYS A 204 13.16 -16.64 -2.66
CA LYS A 204 12.70 -15.84 -1.53
C LYS A 204 12.92 -14.37 -1.87
N ARG A 205 12.21 -13.49 -1.16
CA ARG A 205 12.42 -12.06 -1.31
C ARG A 205 12.92 -11.52 0.01
N ILE A 206 13.65 -10.41 -0.04
CA ILE A 206 14.14 -9.77 1.17
C ILE A 206 13.64 -8.34 1.24
N ALA A 207 13.12 -7.95 2.40
CA ALA A 207 12.75 -6.57 2.64
C ALA A 207 13.76 -5.94 3.60
N ARG A 208 14.22 -4.73 3.27
N ARG A 208 14.22 -4.73 3.26
CA ARG A 208 15.09 -3.98 4.16
CA ARG A 208 15.09 -3.97 4.14
C ARG A 208 14.49 -2.64 4.53
C ARG A 208 14.46 -2.64 4.52
N LEU A 209 14.37 -2.38 5.81
CA LEU A 209 13.80 -1.14 6.32
C LEU A 209 14.92 -0.15 6.50
N ILE A 210 14.73 1.06 5.99
CA ILE A 210 15.78 2.08 6.00
C ILE A 210 15.29 3.44 6.49
N ASP A 211 16.05 4.03 7.41
CA ASP A 211 15.84 5.40 7.86
C ASP A 211 14.54 5.63 8.61
N ALA A 212 14.02 4.57 9.24
CA ALA A 212 12.85 4.70 10.08
C ALA A 212 13.25 5.46 11.35
N PRO A 213 12.50 6.52 11.69
CA PRO A 213 12.78 7.31 12.89
C PRO A 213 12.72 6.51 14.18
N HIS A 214 11.81 5.54 14.26
CA HIS A 214 11.59 4.84 15.52
C HIS A 214 11.50 3.32 15.42
N LEU A 215 12.03 2.78 14.33
CA LEU A 215 12.21 1.35 14.18
C LEU A 215 13.64 1.10 13.73
N PRO A 216 14.30 0.10 14.31
CA PRO A 216 15.68 -0.14 13.88
C PRO A 216 15.69 -0.64 12.46
N GLU A 217 16.70 -0.27 11.69
CA GLU A 217 16.86 -0.86 10.38
C GLU A 217 17.00 -2.36 10.57
N GLY A 218 16.74 -3.10 9.50
CA GLY A 218 16.81 -4.54 9.56
C GLY A 218 16.31 -5.15 8.27
N GLU A 219 16.30 -6.48 8.22
CA GLU A 219 15.85 -7.20 7.05
C GLU A 219 14.89 -8.33 7.42
N ALA A 220 14.02 -8.67 6.49
CA ALA A 220 13.08 -9.77 6.67
C ALA A 220 13.04 -10.57 5.40
N VAL A 221 13.15 -11.89 5.51
CA VAL A 221 13.04 -12.75 4.35
C VAL A 221 11.62 -13.28 4.31
N PHE A 222 11.02 -13.25 3.12
CA PHE A 222 9.65 -13.74 2.96
C PHE A 222 9.49 -14.49 1.64
N SER A 223 8.36 -15.19 1.53
CA SER A 223 8.04 -15.96 0.33
C SER A 223 6.79 -15.43 -0.35
N ILE A 224 6.65 -15.74 -1.63
CA ILE A 224 5.40 -15.47 -2.35
C ILE A 224 4.72 -16.81 -2.65
N THR A 225 3.47 -16.93 -2.22
CA THR A 225 2.72 -18.18 -2.37
C THR A 225 1.31 -17.91 -2.92
N GLU A 226 0.48 -18.94 -2.95
CA GLU A 226 -0.92 -18.74 -3.35
C GLU A 226 -1.69 -17.93 -2.32
N LYS A 227 -1.12 -17.80 -1.12
CA LYS A 227 -1.70 -16.94 -0.09
C LYS A 227 -1.18 -15.50 -0.21
N GLY A 228 -0.39 -15.25 -1.24
CA GLY A 228 0.21 -13.93 -1.38
C GLY A 228 1.56 -13.99 -0.71
N ILE A 229 1.83 -13.06 0.19
CA ILE A 229 3.09 -13.19 0.90
C ILE A 229 2.93 -13.79 2.30
N GLU A 230 3.94 -14.56 2.68
CA GLU A 230 4.01 -15.15 4.00
C GLU A 230 5.46 -15.55 4.23
N ASP A 231 5.77 -15.98 5.45
CA ASP A 231 7.14 -16.37 5.77
C ASP A 231 7.60 -17.47 4.81
#